data_7ZC2
#
_entry.id   7ZC2
#
_cell.length_a   1.00
_cell.length_b   1.00
_cell.length_c   1.00
_cell.angle_alpha   90.00
_cell.angle_beta   90.00
_cell.angle_gamma   90.00
#
_symmetry.space_group_name_H-M   'P 1'
#
_entity_poly.entity_id   1
_entity_poly.type   'polypeptide(L)'
_entity_poly.pdbx_seq_one_letter_code
;MKTPSQPRAIYYIVAIQIWEYFSFYGMRALLILYLTHQLGFDDNHAISLFSAYASLVYVTPILGGWLADRLLGNRTAVIA
GALLMTLGHVVLGIDTNSTFSLYLALAIIICGYGLFKSNISCLLGELYDENDHRRDGGFSLLYAAGNIGSIAAPIACGLA
AQWYGWHVGFALAGGGMFIGLLIFLSGHRHFQSTRSMDKKALTSVKFALPVWSWLVVMLCLAPVFFTLLLENDWSGYLLA
IVCLIAAQIIARMMIKFPEHRRALWQIVLLMFVGTLFWVLAQQGGSTISLFIDRFVNRQAFNIEVPTALFQSVNAIAVML
AGVVLAWLASPESRGNSTLRVWLKFAFGLLLMACGFMLLAFDARHAAADGQASMGVMISGLALMGFAELFIDPVAIAQIT
RLKMSGVLTGIYMLATGAVANWLAGVVAQQTTESQISGMAIAAYQRFFSQMGEWTLACVAIIVVLAFATRFLFSTPTNMI
QESND
;
_entity_poly.pdbx_strand_id   A
#
# COMPACT_ATOMS: atom_id res chain seq x y z
N MET A 1 9.62 21.03 -34.89
CA MET A 1 9.74 21.84 -33.64
C MET A 1 9.76 20.91 -32.42
N LYS A 2 10.40 21.37 -31.35
CA LYS A 2 10.42 20.60 -30.12
C LYS A 2 9.04 20.53 -29.48
N THR A 3 8.80 19.44 -28.76
CA THR A 3 7.52 19.25 -28.08
C THR A 3 7.34 20.28 -26.98
N PRO A 4 6.09 20.66 -26.69
CA PRO A 4 5.86 21.57 -25.56
C PRO A 4 6.28 20.94 -24.26
N SER A 5 6.65 21.78 -23.30
CA SER A 5 7.05 21.29 -21.99
C SER A 5 5.85 20.74 -21.22
N GLN A 6 6.15 20.02 -20.15
CA GLN A 6 5.12 19.57 -19.23
C GLN A 6 4.38 20.78 -18.64
N PRO A 7 3.07 20.66 -18.38
CA PRO A 7 2.34 21.78 -17.78
C PRO A 7 2.83 22.02 -16.36
N ARG A 8 3.32 23.24 -16.12
CA ARG A 8 4.11 23.53 -14.93
C ARG A 8 3.47 23.03 -13.64
N ALA A 9 2.13 23.05 -13.57
CA ALA A 9 1.43 22.52 -12.41
C ALA A 9 1.87 21.11 -12.04
N ILE A 10 2.29 20.31 -13.02
CA ILE A 10 2.76 18.96 -12.73
C ILE A 10 3.75 18.98 -11.56
N TYR A 11 4.66 19.95 -11.54
CA TYR A 11 5.73 19.90 -10.55
C TYR A 11 5.21 20.15 -9.14
N TYR A 12 4.09 20.84 -9.00
CA TYR A 12 3.50 20.95 -7.67
C TYR A 12 2.79 19.66 -7.28
N ILE A 13 2.12 18.99 -8.23
CA ILE A 13 1.49 17.72 -7.91
C ILE A 13 2.56 16.72 -7.47
N VAL A 14 3.64 16.66 -8.24
CA VAL A 14 4.75 15.78 -7.86
C VAL A 14 5.19 16.08 -6.45
N ALA A 15 5.32 17.37 -6.12
CA ALA A 15 5.81 17.71 -4.80
C ALA A 15 4.91 17.13 -3.72
N ILE A 16 3.60 17.33 -3.85
CA ILE A 16 2.74 16.82 -2.78
C ILE A 16 2.77 15.30 -2.81
N GLN A 17 2.90 14.71 -4.00
CA GLN A 17 2.97 13.27 -4.07
C GLN A 17 4.15 12.74 -3.28
N ILE A 18 5.29 13.43 -3.37
CA ILE A 18 6.43 12.99 -2.56
C ILE A 18 6.05 13.04 -1.08
N TRP A 19 5.57 14.21 -0.62
CA TRP A 19 5.45 14.39 0.81
C TRP A 19 4.34 13.55 1.41
N GLU A 20 3.27 13.32 0.67
CA GLU A 20 2.25 12.41 1.16
C GLU A 20 2.83 11.01 1.29
N TYR A 21 3.52 10.54 0.24
CA TYR A 21 4.15 9.24 0.36
C TYR A 21 5.19 9.23 1.46
N PHE A 22 5.81 10.38 1.73
CA PHE A 22 6.72 10.46 2.85
C PHE A 22 5.98 10.18 4.16
N SER A 23 4.90 10.92 4.42
CA SER A 23 4.15 10.73 5.65
C SER A 23 3.59 9.31 5.78
N PHE A 24 2.89 8.84 4.74
CA PHE A 24 2.19 7.57 4.83
C PHE A 24 3.16 6.44 5.11
N TYR A 25 4.30 6.44 4.44
CA TYR A 25 5.23 5.33 4.54
C TYR A 25 6.14 5.49 5.74
N GLY A 26 6.22 6.71 6.29
CA GLY A 26 6.94 6.87 7.55
C GLY A 26 6.16 6.28 8.71
N MET A 27 4.90 6.70 8.87
CA MET A 27 4.07 6.16 9.94
C MET A 27 3.98 4.65 9.85
N ARG A 28 3.91 4.12 8.62
CA ARG A 28 3.76 2.69 8.44
C ARG A 28 5.01 1.96 8.93
N ALA A 29 6.17 2.60 8.81
CA ALA A 29 7.39 1.97 9.31
C ALA A 29 7.41 1.93 10.83
N LEU A 30 6.90 2.98 11.48
CA LEU A 30 6.93 3.03 12.94
C LEU A 30 5.81 2.24 13.59
N LEU A 31 4.66 2.10 12.92
CA LEU A 31 3.42 1.80 13.63
C LEU A 31 3.55 0.55 14.49
N ILE A 32 3.88 -0.59 13.88
CA ILE A 32 3.86 -1.84 14.63
C ILE A 32 4.92 -1.85 15.72
N LEU A 33 6.01 -1.10 15.53
CA LEU A 33 7.01 -0.99 16.59
C LEU A 33 6.50 -0.12 17.73
N TYR A 34 5.74 0.93 17.41
CA TYR A 34 5.13 1.76 18.44
C TYR A 34 4.06 1.01 19.23
N LEU A 35 3.23 0.23 18.54
CA LEU A 35 2.21 -0.57 19.21
C LEU A 35 2.82 -1.51 20.25
N THR A 36 3.92 -2.17 19.92
CA THR A 36 4.51 -3.14 20.84
C THR A 36 5.31 -2.48 21.96
N HIS A 37 6.14 -1.49 21.63
CA HIS A 37 7.05 -0.93 22.64
C HIS A 37 6.38 0.12 23.51
N GLN A 38 5.63 1.05 22.92
CA GLN A 38 5.02 2.10 23.71
C GLN A 38 3.75 1.61 24.40
N LEU A 39 2.88 0.91 23.66
CA LEU A 39 1.54 0.59 24.15
C LEU A 39 1.45 -0.79 24.79
N GLY A 40 2.46 -1.63 24.63
CA GLY A 40 2.42 -2.97 25.22
C GLY A 40 1.32 -3.85 24.67
N PHE A 41 1.05 -3.78 23.37
CA PHE A 41 0.12 -4.69 22.73
C PHE A 41 0.76 -6.07 22.57
N ASP A 42 -0.04 -7.11 22.78
CA ASP A 42 0.35 -8.45 22.36
C ASP A 42 0.45 -8.51 20.84
N ASP A 43 1.33 -9.40 20.36
CA ASP A 43 1.60 -9.46 18.93
C ASP A 43 0.35 -9.73 18.11
N ASN A 44 -0.56 -10.55 18.64
CA ASN A 44 -1.83 -10.79 17.96
C ASN A 44 -2.62 -9.49 17.79
N HIS A 45 -2.74 -8.70 18.86
CA HIS A 45 -3.52 -7.47 18.80
C HIS A 45 -2.85 -6.43 17.91
N ALA A 46 -1.53 -6.28 18.04
CA ALA A 46 -0.81 -5.32 17.20
C ALA A 46 -0.91 -5.69 15.72
N ILE A 47 -0.76 -6.97 15.40
CA ILE A 47 -0.85 -7.41 14.01
C ILE A 47 -2.26 -7.20 13.48
N SER A 48 -3.27 -7.47 14.31
CA SER A 48 -4.65 -7.26 13.86
C SER A 48 -4.91 -5.80 13.55
N LEU A 49 -4.54 -4.90 14.47
CA LEU A 49 -4.77 -3.47 14.26
C LEU A 49 -4.02 -2.97 13.04
N PHE A 50 -2.75 -3.36 12.92
CA PHE A 50 -1.94 -2.96 11.77
C PHE A 50 -2.59 -3.38 10.46
N SER A 51 -3.01 -4.65 10.36
CA SER A 51 -3.60 -5.13 9.12
C SER A 51 -4.96 -4.49 8.84
N ALA A 52 -5.72 -4.17 9.88
CA ALA A 52 -6.98 -3.47 9.68
C ALA A 52 -6.76 -2.09 9.07
N TYR A 53 -5.84 -1.33 9.67
CA TYR A 53 -5.47 -0.03 9.10
C TYR A 53 -4.99 -0.16 7.65
N ALA A 54 -4.11 -1.12 7.40
CA ALA A 54 -3.57 -1.32 6.06
C ALA A 54 -4.64 -1.74 5.04
N SER A 55 -5.74 -2.34 5.49
CA SER A 55 -6.83 -2.64 4.57
C SER A 55 -7.71 -1.42 4.34
N LEU A 56 -8.06 -0.70 5.41
CA LEU A 56 -9.00 0.40 5.28
C LEU A 56 -8.40 1.51 4.41
N VAL A 57 -7.08 1.69 4.46
CA VAL A 57 -6.46 2.68 3.58
C VAL A 57 -6.50 2.26 2.11
N TYR A 58 -6.74 0.98 1.80
CA TYR A 58 -7.05 0.57 0.43
C TYR A 58 -8.53 0.58 0.12
N VAL A 59 -9.39 0.66 1.13
CA VAL A 59 -10.83 0.68 0.88
C VAL A 59 -11.35 2.09 0.63
N THR A 60 -11.00 3.04 1.49
CA THR A 60 -11.58 4.39 1.43
C THR A 60 -11.32 5.21 0.17
N PRO A 61 -10.25 4.94 -0.60
CA PRO A 61 -10.05 5.71 -1.84
C PRO A 61 -11.19 5.62 -2.85
N ILE A 62 -11.95 4.53 -2.87
CA ILE A 62 -13.12 4.47 -3.77
C ILE A 62 -14.13 5.52 -3.35
N LEU A 63 -14.40 5.61 -2.05
CA LEU A 63 -15.40 6.56 -1.57
C LEU A 63 -14.94 7.99 -1.81
N GLY A 64 -13.65 8.27 -1.57
CA GLY A 64 -13.16 9.61 -1.83
C GLY A 64 -13.13 9.96 -3.32
N GLY A 65 -12.93 8.96 -4.18
CA GLY A 65 -13.07 9.19 -5.60
C GLY A 65 -14.50 9.53 -6.01
N TRP A 66 -15.47 8.79 -5.48
CA TRP A 66 -16.87 9.13 -5.77
C TRP A 66 -17.24 10.50 -5.22
N LEU A 67 -16.71 10.87 -4.05
CA LEU A 67 -17.00 12.20 -3.52
C LEU A 67 -16.40 13.30 -4.39
N ALA A 68 -15.16 13.11 -4.87
CA ALA A 68 -14.57 14.13 -5.71
C ALA A 68 -15.28 14.22 -7.06
N ASP A 69 -15.69 13.07 -7.60
CA ASP A 69 -16.48 13.07 -8.84
C ASP A 69 -17.79 13.83 -8.67
N ARG A 70 -18.58 13.44 -7.67
CA ARG A 70 -19.95 13.94 -7.57
C ARG A 70 -20.04 15.34 -6.96
N LEU A 71 -19.13 15.73 -6.08
CA LEU A 71 -19.30 17.00 -5.37
C LEU A 71 -18.06 17.88 -5.43
N LEU A 72 -16.94 17.37 -4.89
CA LEU A 72 -15.86 18.22 -4.42
C LEU A 72 -14.94 18.71 -5.54
N GLY A 73 -14.85 17.97 -6.64
CA GLY A 73 -13.73 18.14 -7.55
C GLY A 73 -12.44 17.59 -6.98
N ASN A 74 -11.45 17.36 -7.85
CA ASN A 74 -10.24 16.66 -7.42
C ASN A 74 -9.34 17.56 -6.57
N ARG A 75 -9.21 18.83 -6.92
CA ARG A 75 -8.31 19.72 -6.19
C ARG A 75 -8.76 19.90 -4.74
N THR A 76 -10.06 20.15 -4.55
CA THR A 76 -10.59 20.33 -3.20
C THR A 76 -10.39 19.06 -2.38
N ALA A 77 -10.66 17.90 -2.97
CA ALA A 77 -10.52 16.65 -2.23
C ALA A 77 -9.06 16.38 -1.88
N VAL A 78 -8.13 16.70 -2.78
CA VAL A 78 -6.70 16.57 -2.46
C VAL A 78 -6.34 17.44 -1.27
N ILE A 79 -6.80 18.71 -1.29
CA ILE A 79 -6.50 19.61 -0.18
C ILE A 79 -7.07 19.07 1.13
N ALA A 80 -8.35 18.70 1.12
CA ALA A 80 -9.00 18.19 2.33
C ALA A 80 -8.30 16.94 2.85
N GLY A 81 -7.91 16.04 1.95
CA GLY A 81 -7.20 14.84 2.37
C GLY A 81 -5.87 15.16 3.02
N ALA A 82 -5.13 16.11 2.45
CA ALA A 82 -3.86 16.50 3.06
C ALA A 82 -4.08 17.13 4.43
N LEU A 83 -5.11 17.96 4.57
CA LEU A 83 -5.41 18.54 5.88
C LEU A 83 -5.74 17.45 6.90
N LEU A 84 -6.58 16.48 6.51
CA LEU A 84 -6.96 15.43 7.45
C LEU A 84 -5.76 14.56 7.86
N MET A 85 -4.91 14.17 6.90
CA MET A 85 -3.72 13.40 7.26
C MET A 85 -2.79 14.19 8.17
N THR A 86 -2.63 15.49 7.91
CA THR A 86 -1.83 16.32 8.81
C THR A 86 -2.43 16.32 10.21
N LEU A 87 -3.74 16.54 10.30
CA LEU A 87 -4.41 16.56 11.60
C LEU A 87 -4.19 15.25 12.33
N GLY A 88 -4.33 14.12 11.64
CA GLY A 88 -4.18 12.84 12.30
C GLY A 88 -2.77 12.55 12.77
N HIS A 89 -1.77 12.96 11.98
CA HIS A 89 -0.39 12.81 12.46
C HIS A 89 -0.11 13.71 13.65
N VAL A 90 -0.70 14.91 13.67
CA VAL A 90 -0.53 15.79 14.83
C VAL A 90 -1.20 15.19 16.07
N VAL A 91 -2.40 14.66 15.91
CA VAL A 91 -3.07 13.98 17.03
C VAL A 91 -2.20 12.85 17.56
N LEU A 92 -1.67 12.02 16.67
CA LEU A 92 -0.85 10.89 17.10
C LEU A 92 0.44 11.36 17.80
N GLY A 93 1.02 12.45 17.33
CA GLY A 93 2.25 12.96 17.96
C GLY A 93 2.03 13.62 19.30
N ILE A 94 0.92 14.34 19.44
CA ILE A 94 0.68 15.15 20.64
C ILE A 94 0.47 14.28 21.89
N ASP A 95 -0.13 13.10 21.74
CA ASP A 95 -0.34 12.21 22.89
C ASP A 95 0.02 10.79 22.48
N THR A 96 1.18 10.34 22.94
CA THR A 96 1.67 8.99 22.66
C THR A 96 1.28 7.98 23.75
N ASN A 97 0.42 8.35 24.69
CA ASN A 97 0.15 7.52 25.85
C ASN A 97 -1.29 7.06 25.98
N SER A 98 -2.25 7.85 25.50
CA SER A 98 -3.60 7.33 25.26
C SER A 98 -3.60 6.37 24.08
N THR A 99 -4.38 5.29 24.21
CA THR A 99 -4.64 4.40 23.08
C THR A 99 -5.79 4.92 22.22
N PHE A 100 -6.76 5.59 22.85
CA PHE A 100 -7.82 6.24 22.09
C PHE A 100 -7.26 7.25 21.11
N SER A 101 -6.22 7.99 21.53
CA SER A 101 -5.54 8.88 20.59
C SER A 101 -5.04 8.11 19.37
N LEU A 102 -4.52 6.89 19.59
CA LEU A 102 -4.05 6.09 18.48
C LEU A 102 -5.18 5.76 17.52
N TYR A 103 -6.28 5.22 18.03
CA TYR A 103 -7.38 4.83 17.15
C TYR A 103 -7.96 6.04 16.42
N LEU A 104 -8.14 7.16 17.11
CA LEU A 104 -8.66 8.36 16.48
C LEU A 104 -7.72 8.86 15.38
N ALA A 105 -6.42 8.91 15.66
CA ALA A 105 -5.45 9.33 14.66
C ALA A 105 -5.51 8.44 13.42
N LEU A 106 -5.53 7.13 13.63
CA LEU A 106 -5.59 6.21 12.50
C LEU A 106 -6.87 6.42 11.68
N ALA A 107 -8.01 6.62 12.34
CA ALA A 107 -9.24 6.87 11.61
C ALA A 107 -9.17 8.17 10.78
N ILE A 108 -8.58 9.22 11.36
CA ILE A 108 -8.47 10.48 10.62
C ILE A 108 -7.54 10.31 9.42
N ILE A 109 -6.46 9.55 9.59
CA ILE A 109 -5.54 9.31 8.49
C ILE A 109 -6.21 8.49 7.40
N ILE A 110 -6.99 7.47 7.78
CA ILE A 110 -7.71 6.68 6.80
C ILE A 110 -8.65 7.55 5.98
N CYS A 111 -9.33 8.52 6.62
CA CYS A 111 -10.20 9.41 5.88
C CYS A 111 -9.42 10.31 4.91
N GLY A 112 -8.34 10.93 5.39
CA GLY A 112 -7.58 11.81 4.52
C GLY A 112 -6.94 11.07 3.36
N TYR A 113 -6.44 9.87 3.61
CA TYR A 113 -5.87 9.04 2.55
C TYR A 113 -6.94 8.65 1.53
N GLY A 114 -8.16 8.35 2.00
CA GLY A 114 -9.24 8.07 1.08
C GLY A 114 -9.56 9.24 0.17
N LEU A 115 -9.53 10.46 0.73
CA LEU A 115 -9.75 11.64 -0.11
C LEU A 115 -8.59 11.92 -1.06
N PHE A 116 -7.36 11.52 -0.69
CA PHE A 116 -6.17 11.87 -1.47
C PHE A 116 -5.86 10.91 -2.61
N LYS A 117 -5.82 9.60 -2.33
CA LYS A 117 -5.06 8.68 -3.17
C LYS A 117 -5.56 8.66 -4.63
N SER A 118 -6.87 8.54 -4.83
CA SER A 118 -7.40 8.56 -6.19
C SER A 118 -7.33 9.95 -6.81
N ASN A 119 -7.68 10.97 -6.04
CA ASN A 119 -7.93 12.27 -6.63
C ASN A 119 -6.64 12.96 -7.04
N ILE A 120 -5.50 12.60 -6.45
CA ILE A 120 -4.24 13.18 -6.92
C ILE A 120 -3.95 12.73 -8.35
N SER A 121 -4.21 11.47 -8.67
CA SER A 121 -3.99 10.96 -10.02
C SER A 121 -5.05 11.49 -10.98
N CYS A 122 -6.30 11.62 -10.52
CA CYS A 122 -7.30 12.26 -11.36
C CYS A 122 -6.92 13.70 -11.68
N LEU A 123 -6.40 14.43 -10.69
CA LEU A 123 -5.98 15.81 -10.94
C LEU A 123 -4.82 15.87 -11.92
N LEU A 124 -3.88 14.94 -11.83
CA LEU A 124 -2.82 14.90 -12.84
C LEU A 124 -3.37 14.61 -14.24
N GLY A 125 -4.30 13.65 -14.33
CA GLY A 125 -4.94 13.37 -15.61
C GLY A 125 -5.80 14.49 -16.15
N GLU A 126 -6.23 15.40 -15.29
CA GLU A 126 -7.04 16.54 -15.75
C GLU A 126 -6.23 17.59 -16.51
N LEU A 127 -4.90 17.61 -16.34
CA LEU A 127 -4.09 18.67 -16.94
C LEU A 127 -3.86 18.49 -18.43
N TYR A 128 -4.14 17.32 -18.99
CA TYR A 128 -3.80 17.00 -20.37
C TYR A 128 -5.05 16.84 -21.22
N ASP A 129 -4.89 17.15 -22.51
CA ASP A 129 -5.90 16.81 -23.50
C ASP A 129 -5.97 15.29 -23.68
N GLU A 130 -7.07 14.83 -24.30
CA GLU A 130 -7.36 13.41 -24.34
C GLU A 130 -6.33 12.61 -25.14
N ASN A 131 -5.57 13.26 -26.02
CA ASN A 131 -4.57 12.59 -26.84
C ASN A 131 -3.17 13.17 -26.66
N ASP A 132 -2.92 13.87 -25.56
CA ASP A 132 -1.62 14.47 -25.33
C ASP A 132 -0.55 13.40 -25.09
N HIS A 133 0.58 13.53 -25.79
CA HIS A 133 1.67 12.59 -25.65
C HIS A 133 2.39 12.70 -24.31
N ARG A 134 2.28 13.85 -23.65
CA ARG A 134 2.98 14.10 -22.38
C ARG A 134 2.43 13.29 -21.22
N ARG A 135 1.22 12.74 -21.36
CA ARG A 135 0.53 12.10 -20.24
C ARG A 135 1.37 10.96 -19.64
N ASP A 136 1.97 10.13 -20.49
CA ASP A 136 2.76 9.01 -19.98
C ASP A 136 3.95 9.49 -19.18
N GLY A 137 4.65 10.52 -19.65
CA GLY A 137 5.72 11.09 -18.87
C GLY A 137 5.24 11.64 -17.54
N GLY A 138 4.10 12.32 -17.55
CA GLY A 138 3.49 12.79 -16.33
C GLY A 138 3.29 11.71 -15.29
N PHE A 139 2.53 10.66 -15.65
CA PHE A 139 2.25 9.61 -14.69
C PHE A 139 3.49 8.82 -14.30
N SER A 140 4.46 8.68 -15.20
CA SER A 140 5.71 8.03 -14.81
C SER A 140 6.47 8.86 -13.78
N LEU A 141 6.44 10.18 -13.93
CA LEU A 141 7.09 11.05 -12.95
C LEU A 141 6.36 11.02 -11.62
N LEU A 142 5.03 10.90 -11.64
CA LEU A 142 4.29 10.75 -10.40
C LEU A 142 4.62 9.44 -9.70
N TYR A 143 4.83 8.37 -10.46
CA TYR A 143 5.25 7.11 -9.86
C TYR A 143 6.65 7.21 -9.27
N ALA A 144 7.56 7.89 -9.98
CA ALA A 144 8.89 8.11 -9.44
C ALA A 144 8.85 8.94 -8.15
N ALA A 145 8.00 9.95 -8.11
CA ALA A 145 7.82 10.73 -6.88
C ALA A 145 7.36 9.85 -5.72
N GLY A 146 6.42 8.94 -5.98
CA GLY A 146 5.96 8.07 -4.92
C GLY A 146 7.04 7.11 -4.45
N ASN A 147 7.88 6.64 -5.37
CA ASN A 147 8.99 5.77 -4.98
C ASN A 147 10.03 6.53 -4.16
N ILE A 148 10.34 7.77 -4.56
CA ILE A 148 11.25 8.60 -3.78
C ILE A 148 10.75 8.75 -2.35
N GLY A 149 9.48 9.14 -2.19
CA GLY A 149 8.96 9.31 -0.85
C GLY A 149 8.93 8.03 -0.04
N SER A 150 8.65 6.90 -0.70
CA SER A 150 8.63 5.62 0.00
C SER A 150 10.01 5.19 0.45
N ILE A 151 11.05 5.55 -0.31
CA ILE A 151 12.41 5.25 0.12
C ILE A 151 12.83 6.17 1.25
N ALA A 152 12.54 7.47 1.10
CA ALA A 152 13.09 8.46 2.02
C ALA A 152 12.46 8.38 3.41
N ALA A 153 11.15 8.13 3.49
CA ALA A 153 10.47 8.32 4.78
C ALA A 153 10.88 7.38 5.90
N PRO A 154 11.08 6.09 5.66
CA PRO A 154 11.48 5.21 6.78
C PRO A 154 12.84 5.53 7.38
N ILE A 155 13.77 6.07 6.60
CA ILE A 155 15.06 6.49 7.17
C ILE A 155 14.86 7.65 8.12
N ALA A 156 14.29 8.75 7.61
CA ALA A 156 14.18 9.96 8.40
C ALA A 156 13.36 9.72 9.66
N CYS A 157 12.18 9.10 9.50
CA CYS A 157 11.32 8.84 10.65
C CYS A 157 11.97 7.87 11.63
N GLY A 158 12.67 6.84 11.16
CA GLY A 158 13.32 5.93 12.07
C GLY A 158 14.40 6.60 12.90
N LEU A 159 15.24 7.41 12.25
CA LEU A 159 16.29 8.11 12.99
C LEU A 159 15.70 9.13 13.97
N ALA A 160 14.72 9.92 13.54
CA ALA A 160 14.10 10.88 14.43
C ALA A 160 13.45 10.20 15.64
N ALA A 161 12.79 9.06 15.41
CA ALA A 161 12.22 8.32 16.52
C ALA A 161 13.28 7.78 17.47
N GLN A 162 14.37 7.23 16.93
CA GLN A 162 15.41 6.70 17.80
C GLN A 162 16.05 7.81 18.63
N TRP A 163 16.28 8.98 18.04
CA TRP A 163 17.00 10.03 18.75
C TRP A 163 16.10 10.82 19.70
N TYR A 164 14.80 10.92 19.41
CA TYR A 164 13.91 11.76 20.20
C TYR A 164 12.62 11.06 20.65
N GLY A 165 12.43 9.80 20.31
CA GLY A 165 11.23 9.07 20.69
C GLY A 165 10.11 9.20 19.66
N TRP A 166 9.12 8.32 19.85
CA TRP A 166 8.08 8.13 18.84
C TRP A 166 7.33 9.41 18.53
N HIS A 167 7.23 10.32 19.52
CA HIS A 167 6.53 11.57 19.32
C HIS A 167 7.17 12.37 18.19
N VAL A 168 8.50 12.42 18.12
CA VAL A 168 9.11 13.29 17.11
C VAL A 168 9.10 12.59 15.76
N GLY A 169 9.15 11.26 15.72
CA GLY A 169 8.95 10.57 14.46
C GLY A 169 7.60 10.86 13.83
N PHE A 170 6.54 10.75 14.62
CA PHE A 170 5.21 11.03 14.07
C PHE A 170 5.03 12.52 13.77
N ALA A 171 5.60 13.39 14.60
CA ALA A 171 5.58 14.82 14.30
C ALA A 171 6.32 15.14 13.00
N LEU A 172 7.44 14.46 12.74
CA LEU A 172 8.17 14.65 11.50
C LEU A 172 7.34 14.21 10.30
N ALA A 173 6.68 13.05 10.40
CA ALA A 173 5.80 12.62 9.32
C ALA A 173 4.70 13.65 9.04
N GLY A 174 4.08 14.17 10.10
CA GLY A 174 3.05 15.18 9.90
C GLY A 174 3.59 16.47 9.33
N GLY A 175 4.76 16.90 9.79
CA GLY A 175 5.39 18.09 9.23
C GLY A 175 5.73 17.92 7.76
N GLY A 176 6.17 16.72 7.38
CA GLY A 176 6.33 16.41 5.96
C GLY A 176 5.05 16.65 5.19
N MET A 177 3.94 16.08 5.67
CA MET A 177 2.68 16.25 4.95
C MET A 177 2.30 17.73 4.87
N PHE A 178 2.52 18.48 5.95
CA PHE A 178 2.18 19.90 5.97
C PHE A 178 3.05 20.69 5.01
N ILE A 179 4.34 20.39 4.94
CA ILE A 179 5.22 21.04 3.97
C ILE A 179 4.70 20.79 2.56
N GLY A 180 4.37 19.53 2.26
CA GLY A 180 3.85 19.21 0.94
C GLY A 180 2.59 19.99 0.62
N LEU A 181 1.69 20.11 1.61
CA LEU A 181 0.47 20.87 1.40
C LEU A 181 0.76 22.35 1.15
N LEU A 182 1.72 22.94 1.85
CA LEU A 182 2.03 24.35 1.60
C LEU A 182 2.65 24.54 0.22
N ILE A 183 3.50 23.61 -0.21
CA ILE A 183 4.03 23.69 -1.57
C ILE A 183 2.90 23.62 -2.59
N PHE A 184 2.01 22.65 -2.43
CA PHE A 184 0.87 22.53 -3.36
C PHE A 184 0.05 23.81 -3.40
N LEU A 185 -0.33 24.33 -2.22
CA LEU A 185 -1.15 25.53 -2.18
C LEU A 185 -0.45 26.74 -2.77
N SER A 186 0.88 26.81 -2.68
CA SER A 186 1.60 27.91 -3.30
C SER A 186 1.50 27.91 -4.82
N GLY A 187 1.18 26.77 -5.44
CA GLY A 187 1.05 26.69 -6.88
C GLY A 187 -0.35 26.90 -7.42
N HIS A 188 -1.25 27.44 -6.60
CA HIS A 188 -2.66 27.47 -6.95
C HIS A 188 -2.91 28.16 -8.29
N ARG A 189 -2.13 29.21 -8.60
CA ARG A 189 -2.34 29.98 -9.82
C ARG A 189 -2.24 29.13 -11.08
N HIS A 190 -1.57 27.98 -11.03
CA HIS A 190 -1.48 27.11 -12.19
C HIS A 190 -2.66 26.15 -12.33
N PHE A 191 -3.41 25.91 -11.25
CA PHE A 191 -4.54 25.00 -11.28
C PHE A 191 -5.88 25.66 -11.65
N GLN A 192 -5.90 26.96 -11.97
CA GLN A 192 -7.18 27.63 -12.20
C GLN A 192 -7.99 26.99 -13.32
N SER A 193 -7.37 26.20 -14.20
CA SER A 193 -8.11 25.49 -15.23
C SER A 193 -8.86 24.27 -14.71
N THR A 194 -8.49 23.73 -13.56
CA THR A 194 -9.06 22.49 -13.08
C THR A 194 -10.46 22.68 -12.49
N ARG A 195 -11.25 21.60 -12.55
CA ARG A 195 -12.65 21.64 -12.16
C ARG A 195 -12.81 22.13 -10.72
N SER A 196 -13.63 23.16 -10.55
CA SER A 196 -14.03 23.63 -9.23
C SER A 196 -15.14 22.76 -8.64
N MET A 197 -15.44 23.05 -7.38
CA MET A 197 -16.48 22.35 -6.64
C MET A 197 -17.88 22.71 -7.15
N ASP A 198 -18.76 21.71 -7.20
CA ASP A 198 -20.11 21.84 -7.77
C ASP A 198 -21.03 22.58 -6.79
N LYS A 199 -21.02 23.91 -6.88
CA LYS A 199 -21.78 24.72 -5.94
C LYS A 199 -23.29 24.45 -5.97
N LYS A 200 -23.85 24.17 -7.16
CA LYS A 200 -25.27 23.85 -7.25
C LYS A 200 -25.63 22.54 -6.54
N ALA A 201 -24.79 21.52 -6.69
CA ALA A 201 -25.03 20.27 -5.97
C ALA A 201 -24.93 20.45 -4.48
N LEU A 202 -23.88 21.14 -4.03
CA LEU A 202 -23.71 21.38 -2.60
C LEU A 202 -24.86 22.20 -2.02
N THR A 203 -25.46 23.08 -2.81
CA THR A 203 -26.60 23.85 -2.30
C THR A 203 -27.93 23.17 -2.57
N SER A 204 -27.93 22.01 -3.23
CA SER A 204 -29.12 21.18 -3.29
C SER A 204 -29.48 20.64 -1.91
N VAL A 205 -30.78 20.45 -1.67
CA VAL A 205 -31.28 19.94 -0.41
C VAL A 205 -31.63 18.47 -0.57
N LYS A 206 -31.16 17.65 0.36
CA LYS A 206 -31.49 16.24 0.40
C LYS A 206 -32.02 15.95 1.80
N PHE A 207 -33.18 15.31 1.87
CA PHE A 207 -34.00 15.33 3.08
C PHE A 207 -34.21 16.78 3.51
N ALA A 208 -34.13 17.07 4.80
CA ALA A 208 -34.28 18.45 5.28
C ALA A 208 -33.06 19.32 5.06
N LEU A 209 -31.91 18.75 4.75
CA LEU A 209 -30.64 19.43 4.98
C LEU A 209 -29.92 19.74 3.67
N PRO A 210 -29.18 20.85 3.61
CA PRO A 210 -28.29 21.08 2.46
C PRO A 210 -27.13 20.11 2.46
N VAL A 211 -26.73 19.69 1.24
CA VAL A 211 -25.72 18.64 1.09
C VAL A 211 -24.43 18.99 1.80
N TRP A 212 -24.01 20.27 1.77
CA TRP A 212 -22.78 20.63 2.47
C TRP A 212 -22.86 20.29 3.95
N SER A 213 -24.06 20.38 4.55
CA SER A 213 -24.17 20.05 5.96
C SER A 213 -24.16 18.54 6.17
N TRP A 214 -24.57 17.76 5.17
CA TRP A 214 -24.33 16.32 5.21
C TRP A 214 -22.84 16.01 5.12
N LEU A 215 -22.08 16.79 4.34
CA LEU A 215 -20.63 16.62 4.36
C LEU A 215 -20.03 16.99 5.71
N VAL A 216 -20.56 18.01 6.39
CA VAL A 216 -20.06 18.35 7.72
C VAL A 216 -20.35 17.21 8.69
N VAL A 217 -21.58 16.67 8.65
CA VAL A 217 -21.93 15.53 9.49
C VAL A 217 -21.03 14.34 9.19
N MET A 218 -20.78 14.06 7.90
CA MET A 218 -19.91 12.97 7.53
C MET A 218 -18.49 13.19 8.03
N LEU A 219 -17.98 14.42 7.92
CA LEU A 219 -16.64 14.71 8.41
C LEU A 219 -16.55 14.47 9.91
N CYS A 220 -17.63 14.74 10.63
CA CYS A 220 -17.65 14.44 12.07
C CYS A 220 -17.73 12.94 12.34
N LEU A 221 -18.66 12.25 11.68
CA LEU A 221 -18.99 10.87 12.04
C LEU A 221 -18.04 9.83 11.48
N ALA A 222 -17.47 10.05 10.30
CA ALA A 222 -16.61 9.03 9.69
C ALA A 222 -15.40 8.70 10.55
N PRO A 223 -14.71 9.65 11.17
CA PRO A 223 -13.65 9.27 12.12
C PRO A 223 -14.19 8.46 13.30
N VAL A 224 -15.37 8.78 13.80
CA VAL A 224 -15.98 7.98 14.86
C VAL A 224 -16.26 6.56 14.38
N PHE A 225 -16.85 6.44 13.19
CA PHE A 225 -17.13 5.12 12.62
C PHE A 225 -15.86 4.29 12.51
N PHE A 226 -14.82 4.85 11.90
CA PHE A 226 -13.58 4.08 11.73
C PHE A 226 -12.89 3.82 13.07
N THR A 227 -12.99 4.74 14.02
CA THR A 227 -12.43 4.51 15.34
C THR A 227 -13.06 3.28 15.98
N LEU A 228 -14.40 3.20 15.95
CA LEU A 228 -15.07 2.04 16.51
C LEU A 228 -14.76 0.78 15.70
N LEU A 229 -14.67 0.90 14.37
CA LEU A 229 -14.34 -0.25 13.53
C LEU A 229 -12.96 -0.82 13.85
N LEU A 230 -11.99 0.05 14.11
CA LEU A 230 -10.65 -0.40 14.46
C LEU A 230 -10.59 -0.95 15.88
N GLU A 231 -11.13 -0.19 16.84
CA GLU A 231 -11.02 -0.59 18.24
C GLU A 231 -11.69 -1.93 18.53
N ASN A 232 -12.70 -2.31 17.75
CA ASN A 232 -13.39 -3.58 17.96
C ASN A 232 -12.97 -4.67 16.97
N ASP A 233 -12.04 -4.39 16.06
CA ASP A 233 -11.67 -5.32 15.00
C ASP A 233 -12.88 -5.75 14.16
N TRP A 234 -13.68 -4.77 13.75
CA TRP A 234 -14.86 -5.02 12.91
C TRP A 234 -14.62 -4.76 11.43
N SER A 235 -13.39 -4.42 11.04
CA SER A 235 -13.09 -4.14 9.63
C SER A 235 -13.40 -5.32 8.72
N GLY A 236 -13.34 -6.54 9.24
CA GLY A 236 -13.61 -7.71 8.40
C GLY A 236 -15.01 -7.74 7.81
N TYR A 237 -16.01 -7.26 8.54
CA TYR A 237 -17.36 -7.25 8.00
C TYR A 237 -17.50 -6.25 6.85
N LEU A 238 -16.84 -5.10 6.98
CA LEU A 238 -16.81 -4.15 5.87
C LEU A 238 -16.09 -4.75 4.67
N LEU A 239 -14.97 -5.43 4.91
CA LEU A 239 -14.22 -6.04 3.81
C LEU A 239 -15.06 -7.11 3.12
N ALA A 240 -15.84 -7.87 3.89
CA ALA A 240 -16.74 -8.86 3.31
C ALA A 240 -17.81 -8.21 2.43
N ILE A 241 -18.40 -7.10 2.89
CA ILE A 241 -19.38 -6.40 2.06
C ILE A 241 -18.73 -5.91 0.78
N VAL A 242 -17.54 -5.32 0.87
CA VAL A 242 -16.84 -4.83 -0.31
C VAL A 242 -16.58 -5.97 -1.30
N CYS A 243 -16.11 -7.12 -0.79
CA CYS A 243 -15.89 -8.27 -1.66
C CYS A 243 -17.17 -8.72 -2.34
N LEU A 244 -18.29 -8.74 -1.61
CA LEU A 244 -19.55 -9.17 -2.21
C LEU A 244 -20.01 -8.21 -3.31
N ILE A 245 -19.83 -6.91 -3.08
CA ILE A 245 -20.19 -5.93 -4.10
C ILE A 245 -19.31 -6.11 -5.34
N ALA A 246 -18.00 -6.29 -5.14
CA ALA A 246 -17.11 -6.49 -6.27
C ALA A 246 -17.48 -7.76 -7.04
N ALA A 247 -17.84 -8.82 -6.32
CA ALA A 247 -18.26 -10.06 -6.98
C ALA A 247 -19.52 -9.85 -7.82
N GLN A 248 -20.48 -9.10 -7.30
CA GLN A 248 -21.67 -8.80 -8.11
C GLN A 248 -21.32 -7.98 -9.35
N ILE A 249 -20.43 -6.99 -9.21
CA ILE A 249 -20.04 -6.21 -10.38
C ILE A 249 -19.41 -7.10 -11.43
N ILE A 250 -18.52 -8.01 -11.01
CA ILE A 250 -17.88 -8.92 -11.95
C ILE A 250 -18.91 -9.84 -12.60
N ALA A 251 -19.85 -10.37 -11.83
CA ALA A 251 -20.85 -11.28 -12.39
C ALA A 251 -21.72 -10.59 -13.44
N ARG A 252 -22.25 -9.41 -13.12
CA ARG A 252 -22.98 -8.65 -14.12
C ARG A 252 -22.11 -8.40 -15.35
N MET A 253 -20.82 -8.15 -15.13
CA MET A 253 -19.90 -7.93 -16.23
C MET A 253 -19.77 -9.19 -17.09
N MET A 254 -19.70 -10.36 -16.45
CA MET A 254 -19.66 -11.63 -17.19
C MET A 254 -20.88 -11.80 -18.09
N ILE A 255 -22.06 -11.41 -17.58
CA ILE A 255 -23.25 -11.48 -18.43
C ILE A 255 -23.18 -10.46 -19.56
N LYS A 256 -22.77 -9.23 -19.27
CA LYS A 256 -22.86 -8.18 -20.27
C LYS A 256 -21.92 -8.41 -21.47
N PHE A 257 -20.76 -9.01 -21.26
CA PHE A 257 -19.75 -9.17 -22.31
C PHE A 257 -19.33 -10.64 -22.49
N PRO A 258 -20.25 -11.51 -22.91
CA PRO A 258 -19.90 -12.95 -22.96
C PRO A 258 -18.80 -13.28 -23.96
N GLU A 259 -18.59 -12.46 -24.99
CA GLU A 259 -17.50 -12.71 -25.93
C GLU A 259 -16.13 -12.57 -25.26
N HIS A 260 -16.06 -11.86 -24.14
CA HIS A 260 -14.83 -11.73 -23.37
C HIS A 260 -14.89 -12.55 -22.09
N ARG A 261 -15.89 -13.42 -21.95
CA ARG A 261 -16.15 -14.05 -20.66
C ARG A 261 -14.94 -14.85 -20.19
N ARG A 262 -14.32 -15.61 -21.09
CA ARG A 262 -13.18 -16.40 -20.70
C ARG A 262 -11.99 -15.53 -20.33
N ALA A 263 -11.80 -14.42 -21.05
CA ALA A 263 -10.76 -13.47 -20.67
C ALA A 263 -11.01 -12.94 -19.26
N LEU A 264 -12.28 -12.67 -18.94
CA LEU A 264 -12.57 -12.18 -17.60
C LEU A 264 -12.23 -13.23 -16.55
N TRP A 265 -12.43 -14.51 -16.87
CA TRP A 265 -12.05 -15.54 -15.91
C TRP A 265 -10.55 -15.56 -15.70
N GLN A 266 -9.77 -15.29 -16.75
CA GLN A 266 -8.34 -15.18 -16.55
C GLN A 266 -8.02 -14.06 -15.57
N ILE A 267 -8.67 -12.91 -15.73
CA ILE A 267 -8.41 -11.83 -14.78
C ILE A 267 -8.81 -12.26 -13.38
N VAL A 268 -9.94 -12.98 -13.26
CA VAL A 268 -10.34 -13.44 -11.95
C VAL A 268 -9.25 -14.32 -11.36
N LEU A 269 -8.73 -15.25 -12.16
CA LEU A 269 -7.70 -16.13 -11.63
C LEU A 269 -6.45 -15.35 -11.26
N LEU A 270 -6.13 -14.32 -12.04
CA LEU A 270 -5.00 -13.48 -11.66
C LEU A 270 -5.25 -12.82 -10.33
N MET A 271 -6.46 -12.29 -10.15
CA MET A 271 -6.80 -11.66 -8.87
C MET A 271 -6.58 -12.63 -7.73
N PHE A 272 -6.87 -13.91 -7.94
CA PHE A 272 -6.63 -14.88 -6.89
C PHE A 272 -5.14 -14.98 -6.58
N VAL A 273 -4.34 -15.31 -7.59
CA VAL A 273 -2.94 -15.63 -7.32
C VAL A 273 -2.20 -14.40 -6.80
N GLY A 274 -2.45 -13.24 -7.40
CA GLY A 274 -1.79 -12.04 -6.92
C GLY A 274 -2.17 -11.75 -5.48
N THR A 275 -3.42 -12.00 -5.12
CA THR A 275 -3.81 -11.79 -3.73
C THR A 275 -2.95 -12.64 -2.82
N LEU A 276 -2.76 -13.91 -3.17
CA LEU A 276 -1.96 -14.76 -2.31
C LEU A 276 -0.52 -14.24 -2.25
N PHE A 277 0.00 -13.80 -3.39
CA PHE A 277 1.33 -13.20 -3.38
C PHE A 277 1.40 -12.06 -2.38
N TRP A 278 0.40 -11.18 -2.42
CA TRP A 278 0.51 -10.01 -1.57
C TRP A 278 0.32 -10.36 -0.11
N VAL A 279 -0.39 -11.45 0.19
CA VAL A 279 -0.44 -11.90 1.58
C VAL A 279 0.98 -12.14 2.07
N LEU A 280 1.74 -12.88 1.28
CA LEU A 280 3.14 -13.12 1.62
C LEU A 280 3.89 -11.80 1.70
N ALA A 281 3.72 -10.95 0.69
CA ALA A 281 4.47 -9.70 0.67
C ALA A 281 4.11 -8.82 1.86
N GLN A 282 2.89 -8.95 2.38
CA GLN A 282 2.52 -8.05 3.46
C GLN A 282 3.03 -8.55 4.81
N GLN A 283 3.72 -9.69 4.82
CA GLN A 283 4.49 -10.04 6.00
C GLN A 283 5.64 -9.07 6.20
N GLY A 284 6.03 -8.34 5.16
CA GLY A 284 7.15 -7.43 5.25
C GLY A 284 7.10 -6.46 6.42
N GLY A 285 6.04 -5.67 6.51
CA GLY A 285 5.93 -4.70 7.58
C GLY A 285 5.53 -5.22 8.93
N SER A 286 5.06 -6.47 9.05
CA SER A 286 4.52 -6.95 10.30
C SER A 286 5.47 -7.99 10.91
N THR A 287 5.37 -9.26 10.54
CA THR A 287 6.16 -10.31 11.19
C THR A 287 7.66 -10.10 10.97
N ILE A 288 8.05 -9.70 9.76
CA ILE A 288 9.47 -9.51 9.47
C ILE A 288 10.04 -8.33 10.23
N SER A 289 9.26 -7.27 10.40
CA SER A 289 9.75 -6.12 11.16
C SER A 289 9.97 -6.48 12.62
N LEU A 290 9.05 -7.26 13.20
CA LEU A 290 9.24 -7.72 14.58
C LEU A 290 10.43 -8.66 14.69
N PHE A 291 10.61 -9.55 13.71
CA PHE A 291 11.78 -10.43 13.73
C PHE A 291 13.08 -9.63 13.66
N ILE A 292 13.14 -8.62 12.81
CA ILE A 292 14.34 -7.78 12.72
C ILE A 292 14.57 -7.04 14.02
N ASP A 293 13.51 -6.50 14.62
CA ASP A 293 13.64 -5.78 15.88
C ASP A 293 14.18 -6.70 16.99
N ARG A 294 13.63 -7.90 17.08
CA ARG A 294 13.89 -8.77 18.22
C ARG A 294 15.18 -9.57 18.07
N PHE A 295 15.33 -10.28 16.95
CA PHE A 295 16.27 -11.38 16.85
C PHE A 295 17.40 -11.16 15.85
N VAL A 296 17.40 -10.07 15.08
CA VAL A 296 18.52 -9.73 14.21
C VAL A 296 19.49 -8.82 14.95
N ASN A 297 20.78 -9.10 14.81
CA ASN A 297 21.85 -8.23 15.28
C ASN A 297 21.95 -7.01 14.38
N ARG A 298 21.59 -5.84 14.90
CA ARG A 298 21.56 -4.60 14.12
C ARG A 298 22.74 -3.68 14.41
N GLN A 299 23.77 -4.16 15.10
CA GLN A 299 24.94 -3.34 15.37
C GLN A 299 25.76 -3.12 14.09
N ALA A 300 26.17 -1.87 13.87
CA ALA A 300 27.17 -1.56 12.85
C ALA A 300 27.86 -0.26 13.21
N PHE A 301 29.15 -0.17 12.88
CA PHE A 301 29.92 1.07 13.04
C PHE A 301 29.90 1.58 14.48
N ASN A 302 29.77 0.67 15.45
CA ASN A 302 29.53 1.03 16.85
C ASN A 302 28.22 1.80 17.02
N ILE A 303 27.26 1.54 16.13
CA ILE A 303 25.93 2.12 16.18
C ILE A 303 24.95 0.96 16.00
N GLU A 304 23.71 1.17 16.42
CA GLU A 304 22.64 0.22 16.13
C GLU A 304 21.69 0.85 15.12
N VAL A 305 21.45 0.13 14.03
CA VAL A 305 20.51 0.57 12.99
C VAL A 305 19.08 0.43 13.50
N PRO A 306 18.25 1.47 13.38
CA PRO A 306 16.83 1.31 13.75
C PRO A 306 16.14 0.36 12.78
N THR A 307 15.28 -0.51 13.33
CA THR A 307 14.58 -1.50 12.52
C THR A 307 13.75 -0.86 11.40
N ALA A 308 13.22 0.36 11.63
CA ALA A 308 12.39 0.99 10.63
C ALA A 308 13.12 1.19 9.32
N LEU A 309 14.43 1.43 9.38
CA LEU A 309 15.19 1.69 8.17
C LEU A 309 15.14 0.52 7.21
N PHE A 310 15.00 -0.71 7.70
CA PHE A 310 14.96 -1.84 6.77
C PHE A 310 13.71 -1.84 5.90
N GLN A 311 12.67 -1.08 6.29
CA GLN A 311 11.53 -0.91 5.40
C GLN A 311 11.92 -0.18 4.12
N SER A 312 12.92 0.70 4.20
CA SER A 312 13.39 1.36 2.99
C SER A 312 14.08 0.39 2.04
N VAL A 313 14.69 -0.69 2.58
CA VAL A 313 15.41 -1.60 1.70
C VAL A 313 14.48 -2.18 0.64
N ASN A 314 13.28 -2.59 1.05
CA ASN A 314 12.32 -3.10 0.09
C ASN A 314 12.08 -2.09 -1.01
N ALA A 315 11.85 -0.82 -0.65
CA ALA A 315 11.54 0.16 -1.67
C ALA A 315 12.70 0.32 -2.62
N ILE A 316 13.93 0.35 -2.09
CA ILE A 316 15.09 0.44 -2.95
C ILE A 316 15.09 -0.73 -3.92
N ALA A 317 14.90 -1.94 -3.39
CA ALA A 317 14.91 -3.11 -4.25
C ALA A 317 13.88 -2.98 -5.35
N VAL A 318 12.69 -2.46 -5.03
CA VAL A 318 11.69 -2.29 -6.09
C VAL A 318 12.19 -1.28 -7.12
N MET A 319 12.60 -0.10 -6.67
CA MET A 319 12.97 0.95 -7.62
C MET A 319 14.11 0.52 -8.50
N LEU A 320 15.16 -0.02 -7.90
CA LEU A 320 16.30 -0.46 -8.70
C LEU A 320 15.84 -1.48 -9.74
N ALA A 321 15.06 -2.47 -9.31
CA ALA A 321 14.61 -3.48 -10.25
C ALA A 321 13.81 -2.84 -11.39
N GLY A 322 12.95 -1.88 -11.04
CA GLY A 322 12.17 -1.21 -12.07
C GLY A 322 13.07 -0.59 -13.13
N VAL A 323 14.16 0.04 -12.69
CA VAL A 323 15.10 0.62 -13.64
C VAL A 323 15.70 -0.46 -14.52
N VAL A 324 16.16 -1.57 -13.94
CA VAL A 324 16.91 -2.56 -14.71
C VAL A 324 16.03 -3.14 -15.81
N LEU A 325 14.79 -3.51 -15.49
CA LEU A 325 13.92 -4.04 -16.54
C LEU A 325 13.66 -2.96 -17.58
N ALA A 326 13.51 -1.71 -17.14
CA ALA A 326 13.34 -0.63 -18.11
C ALA A 326 14.59 -0.50 -18.96
N TRP A 327 15.77 -0.65 -18.35
CA TRP A 327 17.00 -0.63 -19.11
C TRP A 327 17.04 -1.77 -20.13
N LEU A 328 16.40 -2.90 -19.82
CA LEU A 328 16.47 -4.09 -20.64
C LEU A 328 15.18 -4.36 -21.43
N ALA A 329 14.24 -3.41 -21.47
CA ALA A 329 13.02 -3.62 -22.22
C ALA A 329 13.33 -3.93 -23.68
N SER A 330 12.71 -4.98 -24.20
CA SER A 330 13.18 -5.66 -25.40
C SER A 330 12.00 -6.11 -26.25
N PRO A 331 12.18 -6.22 -27.57
CA PRO A 331 11.09 -6.60 -28.46
C PRO A 331 10.68 -8.07 -28.40
N GLU A 332 11.35 -8.88 -27.58
CA GLU A 332 10.95 -10.27 -27.38
C GLU A 332 9.61 -10.42 -26.69
N SER A 333 8.95 -9.33 -26.30
CA SER A 333 7.63 -9.41 -25.68
C SER A 333 6.56 -9.82 -26.69
N ARG A 334 6.56 -11.08 -27.10
CA ARG A 334 5.64 -11.54 -28.14
C ARG A 334 5.32 -13.02 -27.89
N GLY A 335 4.38 -13.52 -28.69
CA GLY A 335 4.05 -14.94 -28.69
C GLY A 335 2.87 -15.30 -27.79
N ASN A 336 2.99 -16.42 -27.08
CA ASN A 336 1.94 -16.89 -26.18
C ASN A 336 1.84 -16.00 -24.95
N SER A 337 1.01 -14.95 -25.04
CA SER A 337 1.02 -13.90 -24.02
C SER A 337 0.53 -14.42 -22.67
N THR A 338 -0.50 -15.26 -22.66
CA THR A 338 -1.04 -15.76 -21.39
C THR A 338 -0.04 -16.68 -20.68
N LEU A 339 0.62 -17.56 -21.42
CA LEU A 339 1.66 -18.38 -20.83
C LEU A 339 2.80 -17.53 -20.28
N ARG A 340 3.19 -16.48 -21.01
CA ARG A 340 4.24 -15.59 -20.53
C ARG A 340 3.82 -14.89 -19.25
N VAL A 341 2.57 -14.43 -19.18
CA VAL A 341 2.04 -13.84 -17.96
C VAL A 341 2.15 -14.81 -16.80
N TRP A 342 1.70 -16.05 -17.00
CA TRP A 342 1.70 -17.00 -15.89
C TRP A 342 3.12 -17.36 -15.48
N LEU A 343 4.07 -17.42 -16.42
CA LEU A 343 5.44 -17.70 -16.03
C LEU A 343 6.07 -16.51 -15.31
N LYS A 344 5.68 -15.28 -15.65
CA LYS A 344 6.10 -14.13 -14.86
C LYS A 344 5.59 -14.21 -13.42
N PHE A 345 4.31 -14.54 -13.24
CA PHE A 345 3.80 -14.77 -11.89
C PHE A 345 4.56 -15.89 -11.18
N ALA A 346 4.83 -16.99 -11.87
CA ALA A 346 5.57 -18.08 -11.25
C ALA A 346 6.96 -17.63 -10.82
N PHE A 347 7.63 -16.82 -11.63
CA PHE A 347 8.94 -16.29 -11.27
C PHE A 347 8.86 -15.36 -10.07
N GLY A 348 7.85 -14.50 -10.01
CA GLY A 348 7.66 -13.66 -8.83
C GLY A 348 7.44 -14.46 -7.56
N LEU A 349 6.58 -15.48 -7.64
CA LEU A 349 6.38 -16.35 -6.49
C LEU A 349 7.67 -17.09 -6.12
N LEU A 350 8.47 -17.46 -7.12
CA LEU A 350 9.74 -18.12 -6.82
C LEU A 350 10.68 -17.19 -6.07
N LEU A 351 10.76 -15.93 -6.50
CA LEU A 351 11.59 -14.96 -5.79
C LEU A 351 11.09 -14.75 -4.36
N MET A 352 9.76 -14.72 -4.18
CA MET A 352 9.21 -14.61 -2.83
C MET A 352 9.59 -15.82 -1.98
N ALA A 353 9.52 -17.01 -2.57
CA ALA A 353 9.96 -18.23 -1.90
C ALA A 353 11.42 -18.13 -1.48
N CYS A 354 12.29 -17.72 -2.40
CA CYS A 354 13.70 -17.59 -2.07
C CYS A 354 13.93 -16.59 -0.94
N GLY A 355 13.20 -15.48 -0.94
CA GLY A 355 13.31 -14.55 0.17
C GLY A 355 12.96 -15.19 1.51
N PHE A 356 11.83 -15.89 1.56
CA PHE A 356 11.44 -16.55 2.80
C PHE A 356 12.41 -17.67 3.19
N MET A 357 12.95 -18.38 2.20
CA MET A 357 13.96 -19.39 2.50
C MET A 357 15.22 -18.77 3.09
N LEU A 358 15.63 -17.60 2.59
CA LEU A 358 16.79 -16.94 3.18
C LEU A 358 16.51 -16.49 4.61
N LEU A 359 15.30 -15.96 4.86
CA LEU A 359 14.97 -15.60 6.24
C LEU A 359 14.96 -16.82 7.16
N ALA A 360 14.42 -17.94 6.70
CA ALA A 360 14.40 -19.15 7.51
C ALA A 360 15.80 -19.69 7.75
N PHE A 361 16.64 -19.70 6.72
CA PHE A 361 18.02 -20.13 6.86
C PHE A 361 18.77 -19.26 7.88
N ASP A 362 18.60 -17.95 7.77
CA ASP A 362 19.25 -17.04 8.72
C ASP A 362 18.76 -17.28 10.15
N ALA A 363 17.45 -17.35 10.34
CA ALA A 363 16.91 -17.57 11.69
C ALA A 363 17.28 -18.93 12.27
N ARG A 364 17.51 -19.94 11.43
CA ARG A 364 18.03 -21.20 11.93
C ARG A 364 19.50 -21.09 12.33
N HIS A 365 20.36 -20.66 11.41
CA HIS A 365 21.79 -20.65 11.67
C HIS A 365 22.22 -19.56 12.65
N ALA A 366 21.34 -18.62 12.98
CA ALA A 366 21.59 -17.72 14.11
C ALA A 366 21.98 -18.48 15.38
N ALA A 367 21.53 -19.72 15.51
CA ALA A 367 21.83 -20.50 16.71
C ALA A 367 23.32 -20.65 16.95
N ALA A 368 24.15 -20.44 15.92
CA ALA A 368 25.60 -20.47 16.13
C ALA A 368 26.06 -19.30 17.00
N ASP A 369 25.31 -18.21 17.04
CA ASP A 369 25.72 -17.01 17.78
C ASP A 369 24.67 -16.55 18.78
N GLY A 370 23.38 -16.63 18.42
CA GLY A 370 22.30 -16.11 19.23
C GLY A 370 21.44 -15.07 18.55
N GLN A 371 21.92 -14.45 17.47
CA GLN A 371 21.12 -13.50 16.72
C GLN A 371 21.38 -13.68 15.23
N ALA A 372 20.36 -13.35 14.44
CA ALA A 372 20.44 -13.48 12.99
C ALA A 372 21.34 -12.41 12.36
N SER A 373 21.69 -12.64 11.11
CA SER A 373 22.73 -11.91 10.40
C SER A 373 22.09 -10.88 9.47
N MET A 374 22.56 -9.64 9.52
CA MET A 374 21.93 -8.55 8.78
C MET A 374 21.93 -8.77 7.28
N GLY A 375 23.04 -9.30 6.73
CA GLY A 375 23.13 -9.42 5.29
C GLY A 375 22.19 -10.42 4.66
N VAL A 376 21.96 -11.56 5.34
CA VAL A 376 21.05 -12.55 4.77
C VAL A 376 19.61 -12.05 4.83
N MET A 377 19.24 -11.36 5.91
CA MET A 377 17.93 -10.74 5.99
C MET A 377 17.76 -9.66 4.93
N ILE A 378 18.77 -8.80 4.75
CA ILE A 378 18.71 -7.78 3.71
C ILE A 378 18.53 -8.42 2.35
N SER A 379 19.23 -9.53 2.09
CA SER A 379 19.08 -10.22 0.82
C SER A 379 17.66 -10.75 0.63
N GLY A 380 17.10 -11.34 1.68
CA GLY A 380 15.69 -11.75 1.61
C GLY A 380 14.77 -10.60 1.29
N LEU A 381 14.95 -9.46 1.96
CA LEU A 381 14.10 -8.31 1.71
C LEU A 381 14.26 -7.83 0.27
N ALA A 382 15.48 -7.84 -0.24
CA ALA A 382 15.73 -7.39 -1.61
C ALA A 382 15.04 -8.31 -2.61
N LEU A 383 15.18 -9.62 -2.44
CA LEU A 383 14.49 -10.57 -3.32
C LEU A 383 12.98 -10.39 -3.25
N MET A 384 12.45 -10.17 -2.05
CA MET A 384 11.01 -9.95 -1.93
C MET A 384 10.58 -8.66 -2.64
N GLY A 385 11.42 -7.63 -2.59
CA GLY A 385 11.13 -6.43 -3.37
C GLY A 385 11.15 -6.68 -4.86
N PHE A 386 12.16 -7.39 -5.34
CA PHE A 386 12.24 -7.70 -6.76
C PHE A 386 11.03 -8.48 -7.23
N ALA A 387 10.54 -9.40 -6.40
CA ALA A 387 9.39 -10.21 -6.79
C ALA A 387 8.18 -9.35 -7.16
N GLU A 388 8.03 -8.18 -6.54
CA GLU A 388 6.84 -7.37 -6.72
C GLU A 388 6.66 -6.83 -8.15
N LEU A 389 7.73 -6.74 -8.94
CA LEU A 389 7.60 -6.21 -10.30
C LEU A 389 6.93 -7.16 -11.26
N PHE A 390 6.82 -8.45 -10.93
CA PHE A 390 6.29 -9.43 -11.85
C PHE A 390 4.81 -9.73 -11.62
N ILE A 391 4.15 -9.02 -10.71
CA ILE A 391 2.80 -9.38 -10.30
C ILE A 391 1.85 -8.27 -10.74
N ASP A 392 1.87 -7.13 -10.05
CA ASP A 392 0.93 -6.07 -10.37
C ASP A 392 1.09 -5.50 -11.78
N PRO A 393 2.31 -5.21 -12.27
CA PRO A 393 2.41 -4.68 -13.63
C PRO A 393 1.88 -5.62 -14.69
N VAL A 394 2.13 -6.92 -14.55
CA VAL A 394 1.65 -7.89 -15.52
C VAL A 394 0.12 -8.00 -15.45
N ALA A 395 -0.42 -7.95 -14.23
CA ALA A 395 -1.88 -8.01 -14.08
C ALA A 395 -2.54 -6.80 -14.70
N ILE A 396 -2.04 -5.60 -14.43
CA ILE A 396 -2.66 -4.41 -14.99
C ILE A 396 -2.48 -4.35 -16.50
N ALA A 397 -1.32 -4.80 -17.00
CA ALA A 397 -1.14 -4.91 -18.45
C ALA A 397 -2.14 -5.88 -19.07
N GLN A 398 -2.48 -6.95 -18.37
CA GLN A 398 -3.47 -7.88 -18.90
C GLN A 398 -4.88 -7.30 -18.84
N ILE A 399 -5.21 -6.63 -17.73
CA ILE A 399 -6.54 -6.03 -17.59
C ILE A 399 -6.76 -4.96 -18.65
N THR A 400 -5.75 -4.12 -18.88
CA THR A 400 -5.87 -2.99 -19.79
C THR A 400 -6.00 -3.39 -21.26
N ARG A 401 -6.04 -4.69 -21.56
CA ARG A 401 -6.38 -5.12 -22.91
C ARG A 401 -7.86 -4.94 -23.22
N LEU A 402 -8.70 -4.78 -22.20
CA LEU A 402 -10.14 -4.65 -22.39
C LEU A 402 -10.59 -3.20 -22.27
N LYS A 403 -11.77 -2.94 -22.81
CA LYS A 403 -12.62 -1.84 -22.37
C LYS A 403 -13.07 -2.13 -20.94
N MET A 404 -13.63 -1.10 -20.29
CA MET A 404 -14.03 -1.16 -18.88
C MET A 404 -12.87 -1.49 -17.94
N SER A 405 -11.63 -1.40 -18.43
CA SER A 405 -10.47 -1.83 -17.66
C SER A 405 -10.22 -0.98 -16.42
N GLY A 406 -10.77 0.24 -16.36
CA GLY A 406 -10.64 1.03 -15.14
C GLY A 406 -11.36 0.44 -13.94
N VAL A 407 -12.57 -0.08 -14.15
CA VAL A 407 -13.29 -0.70 -13.03
C VAL A 407 -12.63 -2.01 -12.61
N LEU A 408 -12.24 -2.83 -13.58
CA LEU A 408 -11.51 -4.06 -13.24
C LEU A 408 -10.18 -3.75 -12.55
N THR A 409 -9.52 -2.67 -12.94
CA THR A 409 -8.30 -2.25 -12.25
C THR A 409 -8.60 -1.85 -10.81
N GLY A 410 -9.67 -1.09 -10.61
CA GLY A 410 -10.08 -0.76 -9.25
C GLY A 410 -10.35 -1.98 -8.40
N ILE A 411 -11.07 -2.95 -8.97
CA ILE A 411 -11.37 -4.18 -8.23
C ILE A 411 -10.11 -4.99 -7.95
N TYR A 412 -9.19 -5.06 -8.92
CA TYR A 412 -7.94 -5.76 -8.69
C TYR A 412 -7.13 -5.12 -7.58
N MET A 413 -7.03 -3.79 -7.57
CA MET A 413 -6.30 -3.12 -6.51
C MET A 413 -7.01 -3.24 -5.18
N LEU A 414 -8.35 -3.30 -5.19
CA LEU A 414 -9.08 -3.47 -3.95
C LEU A 414 -8.86 -4.86 -3.35
N ALA A 415 -8.88 -5.88 -4.19
CA ALA A 415 -8.59 -7.22 -3.71
C ALA A 415 -7.17 -7.30 -3.18
N THR A 416 -6.18 -7.04 -4.05
CA THR A 416 -4.80 -7.25 -3.66
C THR A 416 -4.33 -6.28 -2.58
N GLY A 417 -5.06 -5.20 -2.31
CA GLY A 417 -4.76 -4.38 -1.17
C GLY A 417 -5.47 -4.85 0.07
N ALA A 418 -6.79 -4.62 0.13
CA ALA A 418 -7.53 -4.83 1.37
C ALA A 418 -7.57 -6.31 1.75
N VAL A 419 -7.93 -7.18 0.80
CA VAL A 419 -8.05 -8.59 1.12
C VAL A 419 -6.69 -9.17 1.46
N ALA A 420 -5.67 -8.81 0.68
CA ALA A 420 -4.33 -9.33 0.93
C ALA A 420 -3.80 -8.87 2.28
N ASN A 421 -4.09 -7.63 2.68
CA ASN A 421 -3.63 -7.16 3.98
C ASN A 421 -4.36 -7.85 5.13
N TRP A 422 -5.67 -8.03 4.99
CA TRP A 422 -6.42 -8.70 6.06
C TRP A 422 -6.01 -10.16 6.18
N LEU A 423 -5.87 -10.86 5.05
CA LEU A 423 -5.38 -12.23 5.07
C LEU A 423 -3.95 -12.31 5.59
N ALA A 424 -3.11 -11.32 5.30
CA ALA A 424 -1.76 -11.29 5.87
C ALA A 424 -1.81 -11.19 7.39
N GLY A 425 -2.71 -10.37 7.91
CA GLY A 425 -2.88 -10.29 9.36
C GLY A 425 -3.40 -11.58 9.95
N VAL A 426 -4.30 -12.25 9.24
CA VAL A 426 -4.82 -13.55 9.71
C VAL A 426 -3.71 -14.60 9.73
N VAL A 427 -2.92 -14.67 8.66
CA VAL A 427 -1.83 -15.64 8.58
C VAL A 427 -0.78 -15.36 9.65
N ALA A 428 -0.46 -14.08 9.87
CA ALA A 428 0.57 -13.72 10.84
C ALA A 428 0.25 -14.21 12.25
N GLN A 429 -1.01 -14.46 12.57
CA GLN A 429 -1.34 -15.02 13.88
C GLN A 429 -0.70 -16.38 14.12
N GLN A 430 -0.27 -17.07 13.06
CA GLN A 430 0.44 -18.33 13.22
C GLN A 430 1.83 -18.16 13.83
N THR A 431 2.39 -16.95 13.87
CA THR A 431 3.64 -16.73 14.58
C THR A 431 3.49 -16.74 16.10
N THR A 432 2.26 -16.61 16.62
CA THR A 432 2.05 -16.22 18.02
C THR A 432 1.13 -17.21 18.74
N GLU A 433 1.16 -18.48 18.32
CA GLU A 433 0.50 -19.52 19.09
C GLU A 433 1.15 -19.71 20.46
N SER A 434 2.43 -19.36 20.58
CA SER A 434 3.16 -19.48 21.84
C SER A 434 3.18 -18.13 22.56
N GLN A 435 1.98 -17.70 22.97
CA GLN A 435 1.87 -16.49 23.78
C GLN A 435 2.38 -16.73 25.20
N ILE A 436 2.00 -17.85 25.81
CA ILE A 436 2.28 -18.07 27.22
C ILE A 436 3.78 -18.20 27.48
N SER A 437 4.49 -18.90 26.60
CA SER A 437 5.93 -19.12 26.78
C SER A 437 6.77 -17.87 26.56
N GLY A 438 6.21 -16.81 25.98
CA GLY A 438 7.01 -15.74 25.40
C GLY A 438 7.52 -16.06 24.01
N MET A 439 7.76 -15.00 23.23
CA MET A 439 8.28 -15.13 21.88
C MET A 439 9.73 -15.64 21.85
N ALA A 440 10.03 -16.47 20.85
CA ALA A 440 11.36 -17.03 20.68
C ALA A 440 11.63 -17.15 19.18
N ILE A 441 12.91 -17.21 18.84
CA ILE A 441 13.33 -17.19 17.43
C ILE A 441 12.80 -18.39 16.66
N ALA A 442 12.64 -19.54 17.33
CA ALA A 442 12.12 -20.74 16.67
C ALA A 442 10.73 -20.53 16.07
N ALA A 443 9.91 -19.69 16.70
CA ALA A 443 8.58 -19.45 16.13
C ALA A 443 8.67 -18.75 14.79
N TYR A 444 9.56 -17.76 14.65
CA TYR A 444 9.75 -17.11 13.37
C TYR A 444 10.40 -18.06 12.37
N GLN A 445 11.32 -18.91 12.83
CA GLN A 445 11.94 -19.86 11.92
C GLN A 445 10.91 -20.82 11.33
N ARG A 446 9.99 -21.31 12.16
CA ARG A 446 8.91 -22.15 11.64
C ARG A 446 8.03 -21.36 10.68
N PHE A 447 7.65 -20.14 11.05
CA PHE A 447 6.77 -19.35 10.20
C PHE A 447 7.37 -19.14 8.82
N PHE A 448 8.64 -18.73 8.77
CA PHE A 448 9.29 -18.50 7.48
C PHE A 448 9.48 -19.78 6.69
N SER A 449 9.83 -20.89 7.35
CA SER A 449 9.94 -22.15 6.64
C SER A 449 8.61 -22.55 5.99
N GLN A 450 7.51 -22.43 6.75
CA GLN A 450 6.20 -22.78 6.20
C GLN A 450 5.80 -21.86 5.05
N MET A 451 6.07 -20.56 5.19
CA MET A 451 5.77 -19.64 4.08
C MET A 451 6.55 -20.01 2.82
N GLY A 452 7.83 -20.33 2.97
CA GLY A 452 8.60 -20.81 1.82
C GLY A 452 8.00 -22.06 1.19
N GLU A 453 7.67 -23.04 2.02
CA GLU A 453 7.14 -24.30 1.51
C GLU A 453 5.84 -24.08 0.73
N TRP A 454 4.93 -23.28 1.28
CA TRP A 454 3.69 -22.99 0.58
C TRP A 454 3.94 -22.22 -0.71
N THR A 455 4.94 -21.33 -0.71
CA THR A 455 5.20 -20.56 -1.92
C THR A 455 5.69 -21.47 -3.03
N LEU A 456 6.60 -22.39 -2.71
CA LEU A 456 7.07 -23.35 -3.71
C LEU A 456 5.96 -24.29 -4.15
N ALA A 457 5.02 -24.63 -3.25
CA ALA A 457 3.87 -25.42 -3.68
C ALA A 457 3.01 -24.68 -4.70
N CYS A 458 2.73 -23.40 -4.46
CA CYS A 458 1.96 -22.61 -5.42
C CYS A 458 2.71 -22.45 -6.74
N VAL A 459 4.02 -22.22 -6.67
CA VAL A 459 4.84 -22.16 -7.88
C VAL A 459 4.69 -23.44 -8.69
N ALA A 460 4.86 -24.59 -8.03
CA ALA A 460 4.78 -25.86 -8.73
C ALA A 460 3.42 -26.05 -9.37
N ILE A 461 2.35 -25.78 -8.63
CA ILE A 461 1.01 -25.93 -9.19
C ILE A 461 0.83 -25.06 -10.44
N ILE A 462 1.23 -23.78 -10.34
CA ILE A 462 1.06 -22.88 -11.47
C ILE A 462 1.83 -23.37 -12.68
N VAL A 463 3.12 -23.68 -12.50
CA VAL A 463 3.95 -24.09 -13.62
C VAL A 463 3.41 -25.37 -14.25
N VAL A 464 3.07 -26.34 -13.41
CA VAL A 464 2.59 -27.63 -13.91
C VAL A 464 1.34 -27.45 -14.74
N LEU A 465 0.34 -26.73 -14.21
CA LEU A 465 -0.88 -26.51 -15.00
C LEU A 465 -0.60 -25.72 -16.27
N ALA A 466 0.22 -24.68 -16.18
CA ALA A 466 0.47 -23.82 -17.33
C ALA A 466 1.12 -24.58 -18.48
N PHE A 467 2.03 -25.52 -18.16
CA PHE A 467 2.60 -26.33 -19.23
C PHE A 467 1.69 -27.49 -19.65
N ALA A 468 1.01 -28.13 -18.70
CA ALA A 468 0.11 -29.22 -19.05
C ALA A 468 -1.00 -28.75 -19.98
N THR A 469 -1.42 -27.50 -19.87
CA THR A 469 -2.40 -26.93 -20.77
C THR A 469 -1.82 -26.49 -22.11
N ARG A 470 -0.50 -26.54 -22.29
CA ARG A 470 0.07 -26.22 -23.59
C ARG A 470 -0.05 -27.39 -24.55
N PHE A 471 0.17 -28.62 -24.07
CA PHE A 471 0.06 -29.80 -24.92
C PHE A 471 -1.40 -30.12 -25.22
#